data_2WZ0
#
_entry.id   2WZ0
#
_cell.length_a   39.006
_cell.length_b   68.261
_cell.length_c   50.988
_cell.angle_alpha   90.00
_cell.angle_beta   106.15
_cell.angle_gamma   90.00
#
_symmetry.space_group_name_H-M   'P 1 21 1'
#
loop_
_entity.id
_entity.type
_entity.pdbx_description
1 polymer 'SUPEROXIDE DISMUTASE [CU-ZN]'
2 non-polymer 'COPPER (II) ION'
3 non-polymer 'ZINC ION'
4 non-polymer 'SULFATE ION'
5 non-polymer 2-METHOXY-5-METHYLANILINE
6 non-polymer 'DIMETHYL SULFOXIDE'
7 non-polymer D-SERINE
8 water water
#
_entity_poly.entity_id   1
_entity_poly.type   'polypeptide(L)'
_entity_poly.pdbx_seq_one_letter_code
;ATKAVCVLKGDGPVQGIINFEQKESNGPVKVWGSIKGVTEGLHGFHVHEFGDNTAGCTSAGPHFNPLSRKHGGPKDEERH
VGDLGNVTADKDGVADVSIEDSVISLSGDHCIIGRTLVVHEKADDLGKGGNEESTKTGNAGSRLACGVIGIAQ
;
_entity_poly.pdbx_strand_id   A,F
#
# COMPACT_ATOMS: atom_id res chain seq x y z
N ALA A 1 -13.32 -11.30 -10.57
CA ALA A 1 -11.86 -11.65 -10.43
C ALA A 1 -11.06 -10.51 -9.78
N THR A 2 -10.59 -10.73 -8.56
CA THR A 2 -9.92 -9.64 -7.79
C THR A 2 -8.40 -9.78 -8.01
N LYS A 3 -7.72 -8.64 -8.09
CA LYS A 3 -6.29 -8.63 -8.34
C LYS A 3 -5.58 -7.66 -7.40
N ALA A 4 -4.33 -7.98 -7.05
CA ALA A 4 -3.53 -7.09 -6.17
C ALA A 4 -2.09 -7.23 -6.58
N VAL A 5 -1.25 -6.27 -6.20
CA VAL A 5 0.12 -6.26 -6.62
C VAL A 5 0.94 -5.70 -5.47
N CYS A 6 2.20 -6.07 -5.43
CA CYS A 6 3.17 -5.52 -4.44
C CYS A 6 4.52 -5.33 -5.06
N VAL A 7 5.07 -4.13 -4.91
CA VAL A 7 6.43 -3.78 -5.27
C VAL A 7 7.30 -3.84 -4.01
N LEU A 8 8.25 -4.79 -3.99
CA LEU A 8 9.15 -4.99 -2.87
C LEU A 8 10.43 -4.21 -3.08
N LYS A 9 10.82 -3.45 -2.06
CA LYS A 9 12.08 -2.68 -2.06
C LYS A 9 12.65 -2.74 -0.66
N GLY A 10 13.96 -2.54 -0.54
CA GLY A 10 14.61 -2.45 0.78
C GLY A 10 15.71 -1.38 0.85
N ASP A 11 16.59 -1.46 1.85
CA ASP A 11 17.78 -0.57 1.94
C ASP A 11 18.94 -1.14 1.13
N GLY A 12 18.83 -2.39 0.68
CA GLY A 12 19.86 -2.99 -0.13
C GLY A 12 19.46 -3.19 -1.57
N PRO A 13 20.01 -4.21 -2.21
CA PRO A 13 19.68 -4.43 -3.64
C PRO A 13 18.48 -5.36 -3.92
N VAL A 14 17.65 -5.63 -2.91
CA VAL A 14 16.59 -6.62 -3.05
C VAL A 14 15.35 -5.93 -3.62
N GLN A 15 14.97 -6.37 -4.82
CA GLN A 15 13.78 -5.88 -5.51
C GLN A 15 12.88 -7.03 -5.98
N GLY A 16 11.56 -6.83 -5.90
CA GLY A 16 10.64 -7.81 -6.44
C GLY A 16 9.32 -7.22 -6.90
N ILE A 17 8.60 -7.96 -7.72
CA ILE A 17 7.21 -7.62 -8.03
C ILE A 17 6.42 -8.86 -7.84
N ILE A 18 5.35 -8.78 -7.02
CA ILE A 18 4.52 -9.98 -6.75
C ILE A 18 3.06 -9.70 -7.07
N ASN A 19 2.45 -10.59 -7.81
CA ASN A 19 1.12 -10.40 -8.32
C ASN A 19 0.21 -11.34 -7.55
N PHE A 20 -1.01 -10.93 -7.27
CA PHE A 20 -2.07 -11.73 -6.64
C PHE A 20 -3.33 -11.77 -7.46
N GLU A 21 -3.98 -12.93 -7.53
CA GLU A 21 -5.23 -13.06 -8.25
C GLU A 21 -6.16 -14.04 -7.57
N GLN A 22 -7.42 -13.63 -7.38
CA GLN A 22 -8.46 -14.44 -6.76
C GLN A 22 -9.72 -14.42 -7.62
N LYS A 23 -10.03 -15.54 -8.25
CA LYS A 23 -11.19 -15.59 -9.18
C LYS A 23 -12.54 -15.54 -8.44
N GLU A 24 -12.57 -16.06 -7.24
CA GLU A 24 -13.83 -16.13 -6.49
C GLU A 24 -13.58 -15.75 -5.08
N SER A 25 -14.54 -15.00 -4.52
CA SER A 25 -14.58 -14.70 -3.11
C SER A 25 -14.47 -16.02 -2.37
N ASN A 26 -13.59 -16.05 -1.38
CA ASN A 26 -13.31 -17.30 -0.66
C ASN A 26 -12.79 -18.49 -1.55
N GLY A 27 -12.28 -18.18 -2.75
CA GLY A 27 -11.52 -19.17 -3.53
C GLY A 27 -10.02 -19.00 -3.23
N PRO A 28 -9.18 -19.80 -3.86
CA PRO A 28 -7.74 -19.64 -3.64
C PRO A 28 -7.18 -18.41 -4.32
N VAL A 29 -6.08 -17.92 -3.75
CA VAL A 29 -5.34 -16.79 -4.29
C VAL A 29 -4.04 -17.32 -4.93
N LYS A 30 -3.82 -16.95 -6.19
CA LYS A 30 -2.60 -17.28 -6.90
C LYS A 30 -1.63 -16.11 -6.70
N VAL A 31 -0.42 -16.46 -6.30
CA VAL A 31 0.60 -15.50 -5.94
C VAL A 31 1.79 -15.77 -6.87
N TRP A 32 2.21 -14.79 -7.66
CA TRP A 32 3.36 -15.04 -8.54
C TRP A 32 4.15 -13.79 -8.87
N GLY A 33 5.40 -14.01 -9.21
CA GLY A 33 6.31 -12.97 -9.60
C GLY A 33 7.76 -13.37 -9.41
N SER A 34 8.62 -12.38 -9.14
CA SER A 34 10.06 -12.56 -9.16
C SER A 34 10.65 -11.64 -8.11
N ILE A 35 11.72 -12.09 -7.49
CA ILE A 35 12.49 -11.31 -6.55
C ILE A 35 13.96 -11.50 -6.93
N LYS A 36 14.69 -10.40 -7.01
CA LYS A 36 16.11 -10.46 -7.34
C LYS A 36 16.95 -9.81 -6.27
N GLY A 37 18.26 -10.11 -6.29
CA GLY A 37 19.20 -9.59 -5.30
C GLY A 37 19.33 -10.24 -3.96
N VAL A 38 18.84 -11.48 -3.82
CA VAL A 38 18.99 -12.22 -2.59
C VAL A 38 20.02 -13.33 -2.72
N THR A 39 20.41 -13.87 -1.58
CA THR A 39 21.34 -14.97 -1.53
C THR A 39 20.66 -16.27 -1.98
N GLU A 40 21.45 -17.17 -2.54
CA GLU A 40 20.95 -18.50 -2.88
C GLU A 40 20.38 -19.22 -1.65
N GLY A 41 19.19 -19.82 -1.76
CA GLY A 41 18.61 -20.50 -0.63
C GLY A 41 17.20 -20.01 -0.34
N LEU A 42 16.72 -20.41 0.82
CA LEU A 42 15.34 -20.17 1.22
C LEU A 42 15.28 -18.79 1.90
N HIS A 43 14.22 -18.04 1.61
CA HIS A 43 13.95 -16.77 2.31
C HIS A 43 12.50 -16.73 2.76
N GLY A 44 12.30 -16.44 4.04
CA GLY A 44 10.95 -16.31 4.64
C GLY A 44 10.13 -15.27 3.87
N PHE A 45 8.85 -15.55 3.70
CA PHE A 45 7.96 -14.79 2.80
C PHE A 45 6.60 -14.72 3.48
N HIS A 46 6.19 -13.56 3.96
CA HIS A 46 5.00 -13.45 4.76
C HIS A 46 4.28 -12.12 4.54
N VAL A 47 2.98 -12.17 4.79
CA VAL A 47 2.17 -10.97 4.95
C VAL A 47 2.21 -10.57 6.38
N HIS A 48 2.60 -9.32 6.59
CA HIS A 48 2.68 -8.70 7.93
C HIS A 48 1.46 -7.81 8.20
N GLU A 49 1.17 -7.58 9.46
CA GLU A 49 -0.09 -6.95 9.86
C GLU A 49 -0.32 -5.57 9.23
N PHE A 50 0.66 -4.69 9.28
CA PHE A 50 0.37 -3.32 8.92
C PHE A 50 1.01 -2.97 7.58
N GLY A 51 0.31 -2.14 6.83
CA GLY A 51 0.84 -1.55 5.59
C GLY A 51 1.50 -0.23 5.89
N ASP A 52 2.38 -0.24 6.90
CA ASP A 52 3.06 0.96 7.39
C ASP A 52 4.53 0.77 7.10
N ASN A 53 5.06 1.67 6.27
CA ASN A 53 6.46 1.68 5.87
C ASN A 53 7.19 2.95 6.32
N THR A 54 6.60 3.65 7.32
CA THR A 54 7.10 4.96 7.81
CA THR A 54 7.13 4.97 7.74
C THR A 54 8.60 4.92 8.11
N ALA A 55 9.01 3.91 8.88
CA ALA A 55 10.43 3.76 9.25
C ALA A 55 11.01 2.48 8.60
N GLY A 56 10.51 2.17 7.41
CA GLY A 56 10.90 1.01 6.64
C GLY A 56 10.12 -0.24 7.01
N CYS A 57 10.63 -1.40 6.63
CA CYS A 57 9.93 -2.69 6.79
C CYS A 57 9.65 -3.02 8.25
N THR A 58 10.48 -2.52 9.17
CA THR A 58 10.16 -2.75 10.59
C THR A 58 8.77 -2.27 11.02
N SER A 59 8.26 -1.15 10.44
CA SER A 59 6.95 -0.59 10.76
C SER A 59 5.76 -1.52 10.46
N ALA A 60 6.00 -2.57 9.68
CA ALA A 60 4.94 -3.49 9.27
C ALA A 60 4.44 -4.37 10.41
N GLY A 61 5.21 -4.40 11.51
CA GLY A 61 4.81 -5.16 12.68
C GLY A 61 4.92 -6.68 12.45
N PRO A 62 4.13 -7.43 13.21
CA PRO A 62 4.27 -8.88 13.23
C PRO A 62 3.58 -9.54 12.03
N HIS A 63 3.62 -10.85 11.96
CA HIS A 63 2.91 -11.58 10.91
C HIS A 63 1.42 -11.33 11.07
N PHE A 64 0.72 -11.20 9.94
CA PHE A 64 -0.70 -10.98 9.95
C PHE A 64 -1.37 -12.21 10.57
N ASN A 65 -2.10 -12.01 11.66
CA ASN A 65 -2.56 -13.14 12.47
C ASN A 65 -3.91 -12.84 13.15
N PRO A 66 -4.96 -12.56 12.35
CA PRO A 66 -6.25 -12.23 12.90
C PRO A 66 -6.89 -13.36 13.75
N LEU A 67 -6.48 -14.60 13.55
CA LEU A 67 -7.07 -15.73 14.28
C LEU A 67 -6.28 -16.13 15.52
N SER A 68 -5.26 -15.34 15.86
CA SER A 68 -4.41 -15.60 17.04
C SER A 68 -3.81 -16.99 17.11
N ARG A 69 -3.23 -17.44 16.00
CA ARG A 69 -2.63 -18.77 15.91
C ARG A 69 -1.15 -18.64 16.13
N LYS A 70 -0.49 -19.80 16.23
CA LYS A 70 0.94 -19.85 16.21
C LYS A 70 1.41 -19.86 14.79
N HIS A 71 2.66 -19.45 14.61
CA HIS A 71 3.39 -19.54 13.36
C HIS A 71 3.50 -20.97 12.83
N GLY A 72 3.31 -21.11 11.52
CA GLY A 72 3.57 -22.33 10.75
C GLY A 72 3.89 -22.15 9.28
N GLY A 73 3.79 -23.24 8.53
CA GLY A 73 3.97 -23.22 7.09
C GLY A 73 2.62 -23.10 6.39
N PRO A 74 2.65 -22.81 5.10
CA PRO A 74 1.35 -22.56 4.47
C PRO A 74 0.50 -23.82 4.38
N LYS A 75 1.15 -24.98 4.45
CA LYS A 75 0.45 -26.29 4.41
C LYS A 75 -0.06 -26.76 5.77
N ASP A 76 0.21 -26.02 6.84
CA ASP A 76 -0.22 -26.38 8.19
C ASP A 76 -1.57 -25.77 8.52
N GLU A 77 -2.37 -26.49 9.30
CA GLU A 77 -3.59 -25.91 9.88
C GLU A 77 -3.24 -24.81 10.89
N GLU A 78 -2.29 -25.09 11.76
CA GLU A 78 -1.81 -24.09 12.69
C GLU A 78 -0.79 -23.19 11.96
N ARG A 79 -1.28 -22.06 11.51
CA ARG A 79 -0.44 -21.06 10.82
C ARG A 79 -1.01 -19.70 11.04
N HIS A 80 -0.20 -18.65 10.83
CA HIS A 80 -0.78 -17.32 10.78
C HIS A 80 -1.41 -17.16 9.39
N VAL A 81 -2.46 -16.35 9.27
CA VAL A 81 -2.95 -15.99 7.92
C VAL A 81 -1.80 -15.64 6.97
N GLY A 82 -0.89 -14.79 7.42
CA GLY A 82 0.23 -14.31 6.60
C GLY A 82 1.35 -15.28 6.24
N ASP A 83 1.29 -16.50 6.74
CA ASP A 83 2.36 -17.42 6.54
C ASP A 83 2.43 -18.08 5.15
N LEU A 84 3.27 -17.57 4.27
CA LEU A 84 3.40 -18.03 2.89
C LEU A 84 4.68 -18.82 2.65
N GLY A 85 5.37 -19.14 3.74
CA GLY A 85 6.44 -20.14 3.68
C GLY A 85 7.75 -19.47 3.33
N ASN A 86 8.40 -20.01 2.31
CA ASN A 86 9.69 -19.56 1.75
C ASN A 86 9.64 -19.35 0.24
N VAL A 87 10.44 -18.43 -0.30
CA VAL A 87 10.72 -18.39 -1.70
C VAL A 87 12.18 -18.89 -1.80
N THR A 88 12.50 -19.55 -2.87
CA THR A 88 13.86 -20.10 -2.99
C THR A 88 14.59 -19.41 -4.14
N ALA A 89 15.76 -18.83 -3.85
CA ALA A 89 16.62 -18.19 -4.85
C ALA A 89 17.72 -19.13 -5.31
N ASP A 90 18.04 -19.00 -6.60
CA ASP A 90 19.12 -19.67 -7.31
C ASP A 90 20.49 -18.96 -7.11
N LYS A 91 21.50 -19.46 -7.80
CA LYS A 91 22.82 -18.88 -7.73
C LYS A 91 22.83 -17.46 -8.34
N ASP A 92 21.91 -17.18 -9.24
CA ASP A 92 21.84 -15.83 -9.81
C ASP A 92 21.28 -14.82 -8.79
N GLY A 93 20.65 -15.33 -7.73
CA GLY A 93 20.12 -14.51 -6.65
C GLY A 93 18.66 -14.13 -6.95
N VAL A 94 18.04 -14.92 -7.81
CA VAL A 94 16.70 -14.67 -8.27
C VAL A 94 15.79 -15.77 -7.79
N ALA A 95 14.66 -15.37 -7.24
CA ALA A 95 13.65 -16.27 -6.70
C ALA A 95 12.41 -16.14 -7.52
N ASP A 96 11.99 -17.19 -8.21
CA ASP A 96 10.75 -17.14 -8.95
C ASP A 96 9.65 -17.67 -8.08
N VAL A 97 8.54 -16.94 -7.99
CA VAL A 97 7.51 -17.25 -7.02
C VAL A 97 6.28 -17.69 -7.79
N SER A 98 5.81 -18.90 -7.51
CA SER A 98 4.48 -19.31 -7.93
C SER A 98 3.86 -20.08 -6.79
N ILE A 99 2.84 -19.50 -6.15
CA ILE A 99 2.22 -20.03 -4.95
C ILE A 99 0.71 -20.05 -5.22
N GLU A 100 0.00 -21.02 -4.66
CA GLU A 100 -1.44 -20.89 -4.50
C GLU A 100 -1.75 -21.06 -3.03
N ASP A 101 -2.55 -20.16 -2.46
CA ASP A 101 -2.90 -20.20 -1.06
C ASP A 101 -4.42 -20.00 -0.84
N SER A 102 -5.05 -20.86 -0.03
CA SER A 102 -6.50 -20.68 0.30
C SER A 102 -6.80 -20.05 1.67
N VAL A 103 -5.79 -19.58 2.38
CA VAL A 103 -5.97 -18.93 3.67
C VAL A 103 -5.98 -17.42 3.57
N ILE A 104 -5.01 -16.88 2.83
CA ILE A 104 -5.09 -15.46 2.43
C ILE A 104 -6.34 -15.21 1.57
N SER A 105 -6.74 -13.95 1.52
CA SER A 105 -7.81 -13.55 0.64
C SER A 105 -7.57 -12.14 0.22
N LEU A 106 -8.25 -11.78 -0.88
CA LEU A 106 -8.29 -10.41 -1.36
C LEU A 106 -9.65 -9.75 -1.06
N SER A 107 -10.51 -10.42 -0.29
CA SER A 107 -11.67 -9.72 0.35
C SER A 107 -11.97 -10.33 1.73
N GLY A 108 -12.88 -9.70 2.47
CA GLY A 108 -13.35 -10.26 3.75
C GLY A 108 -12.34 -10.12 4.87
N ASP A 109 -12.54 -10.88 5.96
CA ASP A 109 -11.74 -10.65 7.20
C ASP A 109 -10.31 -11.18 7.13
N HIS A 110 -10.01 -12.06 6.16
CA HIS A 110 -8.63 -12.50 5.89
C HIS A 110 -7.93 -11.69 4.81
N CYS A 111 -8.49 -10.50 4.52
CA CYS A 111 -8.02 -9.65 3.41
C CYS A 111 -6.63 -9.16 3.68
N ILE A 112 -5.76 -9.21 2.65
CA ILE A 112 -4.38 -8.80 2.76
C ILE A 112 -4.12 -7.46 2.11
N ILE A 113 -5.13 -6.91 1.42
CA ILE A 113 -4.93 -5.63 0.75
C ILE A 113 -4.64 -4.54 1.80
N GLY A 114 -3.62 -3.71 1.57
CA GLY A 114 -3.22 -2.70 2.51
C GLY A 114 -2.35 -3.16 3.62
N ARG A 115 -1.90 -4.42 3.56
CA ARG A 115 -0.90 -4.94 4.50
C ARG A 115 0.45 -5.03 3.76
N THR A 116 1.53 -5.50 4.41
CA THR A 116 2.85 -5.49 3.83
C THR A 116 3.35 -6.90 3.57
N LEU A 117 3.84 -7.13 2.37
CA LEU A 117 4.55 -8.38 2.10
C LEU A 117 6.05 -8.17 2.34
N VAL A 118 6.69 -9.16 2.98
CA VAL A 118 8.07 -9.06 3.41
C VAL A 118 8.82 -10.31 3.00
N VAL A 119 10.00 -10.09 2.41
CA VAL A 119 10.95 -11.16 2.13
C VAL A 119 12.14 -11.04 3.12
N HIS A 120 12.50 -12.16 3.74
CA HIS A 120 13.46 -12.17 4.88
C HIS A 120 14.87 -12.62 4.51
N GLU A 121 15.81 -12.26 5.37
CA GLU A 121 17.21 -12.63 5.28
C GLU A 121 17.46 -14.16 5.20
N LYS A 122 16.79 -14.90 6.05
CA LYS A 122 17.06 -16.34 6.19
C LYS A 122 15.82 -17.21 5.91
N ALA A 123 16.01 -18.52 5.91
CA ALA A 123 14.87 -19.42 5.89
C ALA A 123 13.86 -19.36 7.09
N ASP A 124 12.58 -19.54 6.70
CA ASP A 124 11.48 -19.78 7.63
C ASP A 124 11.49 -21.26 7.90
N ASP A 125 11.59 -21.66 9.16
CA ASP A 125 11.66 -23.10 9.47
C ASP A 125 10.25 -23.76 9.51
N LEU A 126 9.25 -22.97 9.12
CA LEU A 126 7.86 -23.39 9.09
C LEU A 126 7.38 -23.83 10.46
N GLY A 127 7.93 -23.21 11.49
CA GLY A 127 7.60 -23.51 12.88
C GLY A 127 8.07 -24.84 13.48
N LYS A 128 8.91 -25.57 12.75
CA LYS A 128 9.34 -26.91 13.15
C LYS A 128 10.82 -26.94 13.55
N GLY A 129 11.34 -25.75 13.91
CA GLY A 129 12.74 -25.59 14.19
C GLY A 129 13.07 -25.95 15.62
N GLY A 130 12.02 -26.03 16.44
CA GLY A 130 12.15 -26.52 17.81
C GLY A 130 12.79 -25.57 18.81
N ASN A 131 12.81 -24.28 18.49
CA ASN A 131 12.96 -23.28 19.54
C ASN A 131 11.65 -22.49 19.57
N GLU A 132 11.51 -21.62 20.56
CA GLU A 132 10.30 -20.83 20.71
C GLU A 132 10.04 -19.82 19.60
N GLU A 133 11.10 -19.28 19.03
CA GLU A 133 10.98 -18.35 17.91
CA GLU A 133 10.94 -18.34 17.91
C GLU A 133 10.53 -19.06 16.64
N SER A 134 10.62 -20.39 16.62
CA SER A 134 10.08 -21.13 15.51
C SER A 134 8.58 -20.86 15.45
N THR A 135 7.93 -20.79 16.61
CA THR A 135 6.47 -20.73 16.70
C THR A 135 5.90 -19.32 16.61
N LYS A 136 6.77 -18.31 16.45
CA LYS A 136 6.34 -16.89 16.31
C LYS A 136 6.73 -16.25 14.97
N THR A 137 8.01 -16.32 14.61
CA THR A 137 8.57 -15.69 13.39
C THR A 137 9.21 -16.71 12.46
N GLY A 138 9.41 -17.92 12.98
CA GLY A 138 10.03 -18.99 12.23
C GLY A 138 11.53 -18.83 11.99
N ASN A 139 12.14 -17.92 12.73
CA ASN A 139 13.60 -17.67 12.63
C ASN A 139 14.04 -17.23 11.23
N ALA A 140 13.22 -16.42 10.53
CA ALA A 140 13.63 -15.98 9.19
C ALA A 140 14.48 -14.69 9.21
N GLY A 141 14.60 -14.05 10.36
CA GLY A 141 15.58 -12.98 10.59
C GLY A 141 15.18 -11.63 10.01
N SER A 142 16.18 -10.87 9.53
CA SER A 142 15.90 -9.48 9.21
C SER A 142 15.00 -9.37 8.02
N ARG A 143 14.51 -8.18 7.77
CA ARG A 143 13.58 -7.93 6.63
C ARG A 143 14.38 -7.32 5.49
N LEU A 144 14.42 -7.99 4.36
CA LEU A 144 15.32 -7.49 3.28
C LEU A 144 14.64 -6.52 2.34
N ALA A 145 13.34 -6.67 2.16
CA ALA A 145 12.57 -5.89 1.23
C ALA A 145 11.10 -6.11 1.55
N CYS A 146 10.29 -5.13 1.20
CA CYS A 146 8.88 -5.16 1.56
C CYS A 146 8.15 -4.13 0.73
N GLY A 147 6.83 -4.26 0.68
CA GLY A 147 5.98 -3.28 0.07
C GLY A 147 4.56 -3.47 0.52
N VAL A 148 3.72 -2.44 0.30
CA VAL A 148 2.32 -2.51 0.67
C VAL A 148 1.62 -3.19 -0.45
N ILE A 149 0.71 -4.08 -0.12
CA ILE A 149 -0.15 -4.76 -1.12
C ILE A 149 -1.30 -3.85 -1.53
N GLY A 150 -1.32 -3.54 -2.83
CA GLY A 150 -2.32 -2.69 -3.46
C GLY A 150 -3.30 -3.35 -4.41
N ILE A 151 -4.45 -2.71 -4.60
CA ILE A 151 -5.48 -3.14 -5.54
C ILE A 151 -5.00 -2.87 -6.94
N ALA A 152 -5.10 -3.89 -7.80
CA ALA A 152 -4.63 -3.86 -9.17
C ALA A 152 -5.81 -3.85 -10.11
N GLN A 153 -5.54 -3.40 -11.32
CA GLN A 153 -6.56 -3.34 -12.33
C GLN A 153 -6.85 -4.72 -12.97
N ALA B 1 -11.74 2.76 15.79
N ALA B 1 -10.68 3.50 16.73
CA ALA B 1 -10.79 3.85 15.44
CA ALA B 1 -10.51 4.14 15.39
C ALA B 1 -9.79 3.38 14.38
C ALA B 1 -9.84 3.25 14.37
N THR B 2 -10.17 3.50 13.12
CA THR B 2 -9.46 2.86 12.01
C THR B 2 -8.39 3.87 11.60
N LYS B 3 -7.20 3.35 11.31
CA LYS B 3 -6.04 4.19 10.95
C LYS B 3 -5.34 3.66 9.69
N ALA B 4 -4.75 4.57 8.92
CA ALA B 4 -3.99 4.22 7.70
C ALA B 4 -2.85 5.17 7.59
N VAL B 5 -1.89 4.81 6.75
CA VAL B 5 -0.67 5.59 6.56
C VAL B 5 -0.24 5.48 5.11
N CYS B 6 0.43 6.51 4.61
CA CYS B 6 1.01 6.47 3.26
C CYS B 6 2.38 7.16 3.29
N VAL B 7 3.39 6.49 2.73
CA VAL B 7 4.70 7.04 2.51
C VAL B 7 4.78 7.48 1.04
N LEU B 8 4.91 8.78 0.78
CA LEU B 8 5.02 9.29 -0.59
C LEU B 8 6.50 9.41 -1.00
N LYS B 9 6.83 8.92 -2.17
CA LYS B 9 8.21 9.01 -2.65
C LYS B 9 8.17 9.40 -4.09
N GLY B 10 9.09 10.29 -4.45
CA GLY B 10 9.33 10.61 -5.84
C GLY B 10 10.65 11.36 -6.00
N ASP B 11 11.00 11.64 -7.24
CA ASP B 11 12.26 12.31 -7.54
C ASP B 11 12.35 13.72 -6.95
N GLY B 12 13.50 14.05 -6.35
CA GLY B 12 13.70 15.40 -5.76
C GLY B 12 14.84 15.48 -4.77
N PRO B 13 14.73 14.75 -3.64
CA PRO B 13 13.61 13.85 -3.41
C PRO B 13 12.36 14.58 -2.93
N VAL B 14 11.21 14.04 -3.32
N VAL B 14 11.20 14.04 -3.31
CA VAL B 14 9.94 14.42 -2.71
CA VAL B 14 9.93 14.46 -2.74
C VAL B 14 9.73 13.29 -1.73
C VAL B 14 9.56 13.33 -1.80
N GLN B 15 9.41 13.65 -0.51
CA GLN B 15 9.19 12.69 0.53
C GLN B 15 8.07 13.16 1.42
N GLY B 16 7.12 12.27 1.69
CA GLY B 16 6.01 12.65 2.58
C GLY B 16 5.51 11.47 3.40
N ILE B 17 4.92 11.80 4.56
CA ILE B 17 4.21 10.85 5.39
C ILE B 17 2.85 11.45 5.68
N ILE B 18 1.81 10.70 5.30
CA ILE B 18 0.44 11.14 5.46
C ILE B 18 -0.33 10.08 6.23
N ASN B 19 -1.00 10.55 7.30
CA ASN B 19 -1.75 9.80 8.26
C ASN B 19 -3.24 9.97 8.08
N PHE B 20 -3.99 8.90 8.32
CA PHE B 20 -5.43 8.92 8.18
C PHE B 20 -6.01 8.32 9.46
N GLU B 21 -7.10 8.92 9.97
CA GLU B 21 -7.79 8.42 11.13
C GLU B 21 -9.30 8.63 10.99
N GLN B 22 -10.06 7.56 11.22
CA GLN B 22 -11.52 7.58 11.12
C GLN B 22 -12.08 6.88 12.36
N LYS B 23 -12.59 7.67 13.29
CA LYS B 23 -13.13 7.14 14.56
C LYS B 23 -14.32 6.20 14.42
N GLU B 24 -15.18 6.48 13.44
CA GLU B 24 -16.34 5.67 13.16
C GLU B 24 -16.52 5.55 11.66
N SER B 25 -17.03 4.41 11.23
CA SER B 25 -17.11 4.12 9.82
C SER B 25 -18.13 5.01 9.12
N ASN B 26 -19.07 5.57 9.87
CA ASN B 26 -19.99 6.59 9.29
C ASN B 26 -19.48 8.04 9.47
N GLY B 27 -18.22 8.20 9.90
CA GLY B 27 -17.66 9.50 10.20
C GLY B 27 -16.61 9.94 9.19
N PRO B 28 -16.19 11.21 9.30
CA PRO B 28 -15.14 11.70 8.43
C PRO B 28 -13.74 11.13 8.76
N VAL B 29 -12.86 11.30 7.78
CA VAL B 29 -11.47 10.87 7.85
C VAL B 29 -10.61 12.15 8.04
N LYS B 30 -9.81 12.17 9.09
CA LYS B 30 -8.78 13.20 9.32
C LYS B 30 -7.53 12.75 8.57
N VAL B 31 -6.99 13.65 7.76
CA VAL B 31 -5.80 13.38 6.96
C VAL B 31 -4.73 14.42 7.32
N TRP B 32 -3.58 13.96 7.80
CA TRP B 32 -2.49 14.88 8.19
C TRP B 32 -1.07 14.33 8.01
N GLY B 33 -0.13 15.26 7.89
CA GLY B 33 1.28 14.93 7.71
C GLY B 33 1.99 16.05 6.98
N SER B 34 3.13 15.70 6.41
CA SER B 34 4.03 16.69 5.83
C SER B 34 4.59 16.10 4.54
N ILE B 35 4.75 16.95 3.55
CA ILE B 35 5.39 16.61 2.31
C ILE B 35 6.51 17.63 2.09
N LYS B 36 7.72 17.16 1.86
CA LYS B 36 8.83 18.07 1.54
C LYS B 36 9.42 17.84 0.13
N GLY B 37 10.12 18.85 -0.38
CA GLY B 37 10.80 18.72 -1.67
C GLY B 37 10.07 19.19 -2.90
N VAL B 38 8.95 19.90 -2.71
CA VAL B 38 8.13 20.38 -3.82
C VAL B 38 8.27 21.88 -3.96
N THR B 39 7.82 22.40 -5.10
CA THR B 39 7.92 23.81 -5.41
C THR B 39 6.92 24.60 -4.57
N GLU B 40 7.20 25.88 -4.29
CA GLU B 40 6.22 26.74 -3.60
C GLU B 40 4.93 26.87 -4.41
N GLY B 41 3.81 26.77 -3.72
CA GLY B 41 2.52 26.89 -4.35
C GLY B 41 1.70 25.63 -4.17
N LEU B 42 0.61 25.61 -4.91
CA LEU B 42 -0.39 24.55 -4.80
C LEU B 42 0.02 23.33 -5.61
N HIS B 43 -0.29 22.16 -5.07
CA HIS B 43 -0.07 20.86 -5.74
C HIS B 43 -1.29 20.00 -5.52
N GLY B 44 -1.85 19.49 -6.62
CA GLY B 44 -3.00 18.61 -6.56
C GLY B 44 -2.68 17.38 -5.73
N PHE B 45 -3.72 16.85 -5.08
CA PHE B 45 -3.57 15.85 -4.03
C PHE B 45 -4.79 14.95 -4.14
N HIS B 46 -4.59 13.73 -4.60
CA HIS B 46 -5.70 12.85 -4.79
C HIS B 46 -5.40 11.41 -4.47
N VAL B 47 -6.49 10.69 -4.21
CA VAL B 47 -6.43 9.23 -4.17
C VAL B 47 -6.76 8.71 -5.56
N HIS B 48 -5.87 7.88 -6.08
CA HIS B 48 -6.02 7.25 -7.40
C HIS B 48 -6.48 5.84 -7.28
N GLU B 49 -7.00 5.29 -8.37
CA GLU B 49 -7.81 4.08 -8.29
C GLU B 49 -7.03 2.81 -7.84
N PHE B 50 -5.84 2.60 -8.36
CA PHE B 50 -5.10 1.36 -8.13
C PHE B 50 -3.93 1.58 -7.23
N GLY B 51 -3.64 0.59 -6.40
CA GLY B 51 -2.46 0.62 -5.52
C GLY B 51 -1.29 -0.06 -6.20
N ASP B 52 -1.12 0.23 -7.50
CA ASP B 52 -0.11 -0.41 -8.33
C ASP B 52 0.93 0.62 -8.70
N ASN B 53 2.16 0.38 -8.24
CA ASN B 53 3.27 1.28 -8.49
C ASN B 53 4.36 0.51 -9.23
N THR B 54 3.93 -0.50 -9.98
CA THR B 54 4.88 -1.36 -10.69
CA THR B 54 4.80 -1.39 -10.80
C THR B 54 5.76 -0.57 -11.65
N ALA B 55 5.18 0.34 -12.44
CA ALA B 55 5.98 1.22 -13.34
C ALA B 55 6.11 2.67 -12.86
N GLY B 56 5.86 2.88 -11.58
CA GLY B 56 5.84 4.19 -10.96
C GLY B 56 4.41 4.64 -10.64
N CYS B 57 4.26 5.93 -10.41
CA CYS B 57 2.99 6.54 -10.11
C CYS B 57 1.97 6.43 -11.26
N THR B 58 2.46 6.33 -12.50
CA THR B 58 1.56 6.24 -13.65
C THR B 58 0.69 4.96 -13.55
N SER B 59 1.23 3.88 -12.97
CA SER B 59 0.48 2.66 -12.78
C SER B 59 -0.79 2.76 -11.89
N ALA B 60 -0.92 3.83 -11.11
CA ALA B 60 -2.03 4.03 -10.23
C ALA B 60 -3.33 4.34 -10.95
N GLY B 61 -3.24 4.73 -12.23
CA GLY B 61 -4.42 4.99 -13.01
C GLY B 61 -5.03 6.34 -12.68
N PRO B 62 -6.37 6.47 -12.93
CA PRO B 62 -7.09 7.71 -12.78
C PRO B 62 -7.46 7.96 -11.34
N HIS B 63 -8.12 9.08 -11.09
CA HIS B 63 -8.62 9.41 -9.74
C HIS B 63 -9.60 8.30 -9.33
N PHE B 64 -9.57 7.92 -8.05
CA PHE B 64 -10.54 6.96 -7.50
C PHE B 64 -11.93 7.57 -7.69
N ASN B 65 -12.80 6.87 -8.43
CA ASN B 65 -14.08 7.43 -8.86
C ASN B 65 -15.14 6.32 -8.90
N PRO B 66 -15.43 5.72 -7.74
CA PRO B 66 -16.36 4.61 -7.71
C PRO B 66 -17.79 5.00 -8.13
N LEU B 67 -18.17 6.30 -8.09
CA LEU B 67 -19.57 6.74 -8.33
C LEU B 67 -19.70 7.38 -9.71
N SER B 68 -18.62 7.31 -10.49
CA SER B 68 -18.62 7.73 -11.88
CA SER B 68 -18.58 7.76 -11.87
C SER B 68 -18.99 9.22 -12.05
N ARG B 69 -18.43 10.08 -11.25
CA ARG B 69 -18.75 11.48 -11.28
C ARG B 69 -17.64 12.23 -12.03
N LYS B 70 -17.82 13.54 -12.15
CA LYS B 70 -16.78 14.41 -12.71
C LYS B 70 -15.86 14.89 -11.59
N HIS B 71 -14.67 15.31 -11.95
CA HIS B 71 -13.76 15.97 -11.03
C HIS B 71 -14.24 17.29 -10.36
N GLY B 72 -13.86 17.47 -9.12
CA GLY B 72 -14.12 18.66 -8.36
C GLY B 72 -13.20 18.89 -7.20
N GLY B 73 -13.50 19.89 -6.43
CA GLY B 73 -12.82 20.13 -5.18
C GLY B 73 -13.47 19.29 -4.08
N PRO B 74 -12.79 19.19 -2.94
CA PRO B 74 -13.28 18.41 -1.82
C PRO B 74 -14.63 18.93 -1.32
N LYS B 75 -14.85 20.26 -1.40
CA LYS B 75 -16.16 20.88 -1.06
C LYS B 75 -17.29 20.64 -2.05
N ASP B 76 -17.03 20.20 -3.28
CA ASP B 76 -18.13 20.04 -4.24
C ASP B 76 -18.93 18.73 -4.01
N GLU B 77 -20.23 18.77 -4.28
CA GLU B 77 -21.03 17.52 -4.38
C GLU B 77 -20.59 16.71 -5.60
N GLU B 78 -20.38 17.40 -6.72
CA GLU B 78 -19.88 16.76 -7.92
CA GLU B 78 -19.89 16.74 -7.92
C GLU B 78 -18.35 16.61 -7.80
N ARG B 79 -17.89 15.51 -7.24
CA ARG B 79 -16.43 15.28 -7.14
C ARG B 79 -16.18 13.80 -7.31
N HIS B 80 -14.94 13.43 -7.57
CA HIS B 80 -14.52 12.04 -7.44
C HIS B 80 -14.35 11.77 -5.94
N VAL B 81 -14.59 10.54 -5.49
CA VAL B 81 -14.23 10.18 -4.10
C VAL B 81 -12.77 10.55 -3.78
N GLY B 82 -11.85 10.35 -4.70
CA GLY B 82 -10.43 10.66 -4.45
C GLY B 82 -9.98 12.11 -4.42
N ASP B 83 -10.89 13.04 -4.67
CA ASP B 83 -10.54 14.43 -4.81
C ASP B 83 -10.32 15.15 -3.53
N LEU B 84 -9.05 15.29 -3.15
CA LEU B 84 -8.68 15.92 -1.90
C LEU B 84 -8.08 17.35 -2.06
N GLY B 85 -8.28 17.92 -3.22
CA GLY B 85 -7.97 19.34 -3.46
C GLY B 85 -6.48 19.54 -3.70
N ASN B 86 -5.88 20.51 -2.99
CA ASN B 86 -4.48 20.88 -3.07
C ASN B 86 -3.77 20.86 -1.74
N VAL B 87 -2.47 20.55 -1.74
CA VAL B 87 -1.67 20.84 -0.59
C VAL B 87 -0.89 22.10 -1.03
N THR B 88 -0.53 22.92 -0.08
CA THR B 88 0.18 24.18 -0.43
C THR B 88 1.54 24.16 0.24
N ALA B 89 2.63 24.26 -0.53
CA ALA B 89 3.98 24.31 0.03
C ALA B 89 4.48 25.76 0.02
N ASP B 90 5.31 26.04 1.02
CA ASP B 90 6.01 27.31 1.25
C ASP B 90 7.31 27.43 0.42
N LYS B 91 8.08 28.50 0.58
CA LYS B 91 9.45 28.59 -0.04
C LYS B 91 10.41 27.48 0.36
N ASP B 92 10.29 26.96 1.58
CA ASP B 92 11.19 25.90 2.04
C ASP B 92 10.86 24.55 1.32
N GLY B 93 9.79 24.53 0.53
CA GLY B 93 9.39 23.33 -0.21
C GLY B 93 8.55 22.35 0.60
N VAL B 94 8.03 22.81 1.74
CA VAL B 94 7.30 21.96 2.67
C VAL B 94 5.81 22.27 2.70
N ALA B 95 4.99 21.22 2.53
CA ALA B 95 3.54 21.34 2.57
C ALA B 95 3.09 20.58 3.81
N ASP B 96 2.42 21.30 4.68
CA ASP B 96 1.91 20.73 5.92
CA ASP B 96 1.92 20.72 5.89
C ASP B 96 0.47 20.42 5.63
N VAL B 97 0.03 19.19 5.91
CA VAL B 97 -1.28 18.73 5.45
C VAL B 97 -2.19 18.53 6.63
N SER B 98 -3.38 19.12 6.57
CA SER B 98 -4.37 19.02 7.63
C SER B 98 -5.71 19.19 6.94
N ILE B 99 -6.36 18.05 6.68
CA ILE B 99 -7.56 17.95 5.91
C ILE B 99 -8.55 17.14 6.79
N GLU B 100 -9.82 17.50 6.77
CA GLU B 100 -10.86 16.55 7.17
C GLU B 100 -11.81 16.25 5.99
N ASP B 101 -12.08 14.99 5.70
CA ASP B 101 -12.90 14.70 4.54
C ASP B 101 -14.00 13.71 4.91
N SER B 102 -15.17 14.03 4.39
CA SER B 102 -16.41 13.29 4.65
C SER B 102 -16.76 12.22 3.59
N VAL B 103 -16.06 12.20 2.45
CA VAL B 103 -16.40 11.36 1.33
C VAL B 103 -15.48 10.13 1.21
N ILE B 104 -14.19 10.29 1.43
CA ILE B 104 -13.30 9.13 1.56
C ILE B 104 -13.64 8.35 2.81
N SER B 105 -13.27 7.06 2.82
CA SER B 105 -13.48 6.28 4.02
C SER B 105 -12.33 5.30 4.19
N LEU B 106 -12.18 4.75 5.40
CA LEU B 106 -11.22 3.68 5.60
C LEU B 106 -11.91 2.31 5.76
N SER B 107 -13.19 2.23 5.36
CA SER B 107 -13.93 0.94 5.18
C SER B 107 -15.15 1.14 4.24
N GLY B 108 -15.81 0.05 3.84
CA GLY B 108 -16.97 0.18 2.94
C GLY B 108 -16.59 0.47 1.49
N ASP B 109 -17.57 0.87 0.68
CA ASP B 109 -17.35 0.98 -0.75
C ASP B 109 -16.46 2.17 -1.16
N HIS B 110 -16.35 3.16 -0.30
CA HIS B 110 -15.48 4.32 -0.59
C HIS B 110 -14.11 4.17 0.04
N CYS B 111 -13.73 2.91 0.37
CA CYS B 111 -12.50 2.66 1.10
C CYS B 111 -11.28 2.96 0.22
N ILE B 112 -10.31 3.67 0.78
CA ILE B 112 -9.09 4.07 0.06
C ILE B 112 -7.87 3.24 0.39
N ILE B 113 -8.01 2.34 1.38
CA ILE B 113 -6.92 1.44 1.74
C ILE B 113 -6.58 0.54 0.56
N GLY B 114 -5.28 0.51 0.21
CA GLY B 114 -4.76 -0.30 -0.87
C GLY B 114 -4.78 0.43 -2.20
N ARG B 115 -5.14 1.73 -2.18
CA ARG B 115 -5.11 2.59 -3.37
C ARG B 115 -3.93 3.56 -3.23
N THR B 116 -3.63 4.38 -4.24
CA THR B 116 -2.45 5.21 -4.27
C THR B 116 -2.79 6.66 -3.99
N LEU B 117 -2.07 7.29 -3.07
CA LEU B 117 -2.14 8.74 -2.86
C LEU B 117 -1.08 9.41 -3.72
N VAL B 118 -1.46 10.46 -4.47
CA VAL B 118 -0.52 11.10 -5.43
C VAL B 118 -0.46 12.60 -5.18
N VAL B 119 0.75 13.17 -5.13
CA VAL B 119 0.89 14.63 -5.13
C VAL B 119 1.41 15.03 -6.53
N HIS B 120 0.83 16.09 -7.07
CA HIS B 120 1.03 16.51 -8.45
C HIS B 120 1.95 17.74 -8.63
N GLU B 121 2.42 17.88 -9.85
CA GLU B 121 3.29 18.94 -10.33
C GLU B 121 2.70 20.33 -10.12
N LYS B 122 1.42 20.46 -10.46
CA LYS B 122 0.75 21.75 -10.51
C LYS B 122 -0.52 21.80 -9.66
N ALA B 123 -1.09 22.99 -9.58
CA ALA B 123 -2.35 23.13 -8.90
C ALA B 123 -3.52 22.38 -9.57
N ASP B 124 -4.40 21.89 -8.72
CA ASP B 124 -5.69 21.36 -9.10
C ASP B 124 -6.64 22.54 -9.13
N ASP B 125 -7.24 22.80 -10.25
CA ASP B 125 -8.19 23.93 -10.39
C ASP B 125 -9.55 23.65 -9.76
N LEU B 126 -9.71 22.41 -9.23
CA LEU B 126 -10.91 22.02 -8.47
C LEU B 126 -12.08 21.97 -9.43
N GLY B 127 -11.80 21.63 -10.67
CA GLY B 127 -12.81 21.57 -11.72
C GLY B 127 -13.45 22.91 -12.16
N LYS B 128 -12.88 24.03 -11.68
CA LYS B 128 -13.36 25.39 -12.00
C LYS B 128 -12.53 26.02 -13.11
N GLY B 129 -11.66 25.22 -13.75
CA GLY B 129 -10.74 25.71 -14.76
C GLY B 129 -11.53 25.95 -16.01
N GLY B 130 -10.85 26.27 -17.10
CA GLY B 130 -11.49 26.56 -18.40
C GLY B 130 -11.94 25.40 -19.29
N ASN B 131 -11.16 24.33 -19.31
CA ASN B 131 -11.32 23.23 -20.31
C ASN B 131 -12.04 21.96 -19.80
N GLU B 132 -12.09 20.92 -20.65
CA GLU B 132 -12.61 19.61 -20.25
C GLU B 132 -11.67 18.86 -19.32
N GLU B 133 -10.37 19.13 -19.46
CA GLU B 133 -9.40 18.43 -18.64
C GLU B 133 -9.64 18.81 -17.18
N SER B 134 -10.17 20.00 -16.95
CA SER B 134 -10.48 20.45 -15.61
C SER B 134 -11.42 19.43 -14.92
N THR B 135 -12.35 18.88 -15.70
CA THR B 135 -13.43 18.03 -15.18
C THR B 135 -13.01 16.57 -15.06
N LYS B 136 -11.75 16.25 -15.43
CA LYS B 136 -11.19 14.90 -15.32
C LYS B 136 -10.02 14.86 -14.33
N THR B 137 -9.05 15.76 -14.49
CA THR B 137 -7.82 15.80 -13.67
C THR B 137 -7.58 17.08 -12.92
N GLY B 138 -8.35 18.11 -13.25
CA GLY B 138 -8.19 19.44 -12.67
C GLY B 138 -6.91 20.12 -13.11
N ASN B 139 -6.33 19.61 -14.18
CA ASN B 139 -5.10 20.15 -14.76
C ASN B 139 -3.93 20.24 -13.79
N ALA B 140 -3.76 19.19 -13.01
CA ALA B 140 -2.71 19.19 -12.00
C ALA B 140 -1.37 18.64 -12.50
N GLY B 141 -1.35 18.10 -13.70
CA GLY B 141 -0.09 17.84 -14.35
C GLY B 141 0.52 16.56 -13.85
N SER B 142 1.86 16.51 -13.89
CA SER B 142 2.53 15.23 -13.72
C SER B 142 2.45 14.76 -12.26
N ARG B 143 2.89 13.52 -11.98
CA ARG B 143 2.85 12.95 -10.62
C ARG B 143 4.24 13.02 -10.03
N LEU B 144 4.38 13.81 -9.00
CA LEU B 144 5.70 14.09 -8.39
C LEU B 144 6.08 13.01 -7.36
N ALA B 145 5.13 12.49 -6.62
CA ALA B 145 5.41 11.48 -5.63
C ALA B 145 4.11 10.70 -5.37
N CYS B 146 4.21 9.44 -4.95
CA CYS B 146 3.01 8.64 -4.63
C CYS B 146 3.43 7.54 -3.67
N GLY B 147 2.46 6.83 -3.14
CA GLY B 147 2.65 5.63 -2.33
C GLY B 147 1.30 4.95 -2.14
N VAL B 148 1.33 3.67 -1.75
CA VAL B 148 0.12 2.93 -1.51
C VAL B 148 -0.34 3.21 -0.09
N ILE B 149 -1.66 3.35 0.08
CA ILE B 149 -2.24 3.61 1.42
C ILE B 149 -2.39 2.25 2.16
N GLY B 150 -1.80 2.15 3.33
CA GLY B 150 -1.79 0.93 4.12
C GLY B 150 -2.49 1.06 5.46
N ILE B 151 -2.91 -0.08 6.01
CA ILE B 151 -3.57 -0.10 7.31
C ILE B 151 -2.53 0.15 8.36
N ALA B 152 -2.84 0.96 9.36
CA ALA B 152 -1.87 1.35 10.40
C ALA B 152 -2.38 0.90 11.74
N GLN B 153 -1.44 0.83 12.70
CA GLN B 153 -1.75 0.31 14.01
CA GLN B 153 -1.66 0.36 14.06
C GLN B 153 -2.39 1.42 14.86
#